data_4BSZ
#
_entry.id   4BSZ
#
_cell.length_a   104.830
_cell.length_b   104.830
_cell.length_c   95.960
_cell.angle_alpha   90.00
_cell.angle_beta   90.00
_cell.angle_gamma   90.00
#
_symmetry.space_group_name_H-M   'P 42 21 2'
#
loop_
_entity.id
_entity.type
_entity.pdbx_description
1 polymer '40S RIBOSOMAL PROTEIN S3'
2 polymer 'ANKYRIN REPEAT-CONTAINING PROTEIN YAR1'
#
loop_
_entity_poly.entity_id
_entity_poly.type
_entity_poly.pdbx_seq_one_letter_code
_entity_poly.pdbx_strand_id
1 'polypeptide(L)'
;MADPMVALISKKRKLVADGVFYAELNEFFTRELAEEGYSGVEVRVTPTKTEVIIRATRTQDVLGENGRRINELTLLVQKR
FKYAPGTIVLYAERVQDRGLSAVAQAESMKFKLLNGLAIRRAAYGVVRYVMESGAKGCEVVVSGKLRAARAKAMKFADGF
LIHSGQPVNDFIDTATRHVLMRQGVLGIKVKIMRDPAKSRTGPKALPDAVTIIEPKEEEPILAPSVKDYRPAEETEAQAE
PVEA
;
A
2 'polypeptide(L)'
;DLMGLHSEPLDQEDQDTIILDARAGDLDSLKDIFTTLVSPELLSTCKESESDSTALHMAAANGHIETVRYILETVSRANS
AEDLKAFVNEVNKTGNTALHWASLNGKLDVVKLLCDEYEADPFIRNKFGHDAIFEAENSGKEEVETYFLKKYDVEPEDDE
EDTQTEGKNSVQITKGTEIEQVTKEATEALREETEKLNINKD
;
B
#
# COMPACT_ATOMS: atom_id res chain seq x y z
N VAL A 16 -8.56 11.96 -17.12
CA VAL A 16 -7.99 11.64 -15.81
C VAL A 16 -6.58 11.05 -15.92
N ALA A 17 -5.77 11.27 -14.88
CA ALA A 17 -4.41 10.75 -14.82
C ALA A 17 -4.38 9.22 -14.78
N ASP A 18 -3.38 8.64 -15.44
CA ASP A 18 -3.25 7.19 -15.47
C ASP A 18 -2.47 6.64 -14.28
N GLY A 19 -2.53 5.33 -14.10
CA GLY A 19 -1.90 4.68 -12.97
C GLY A 19 -0.40 4.83 -12.92
N VAL A 20 0.23 5.10 -14.06
CA VAL A 20 1.67 5.28 -14.09
C VAL A 20 2.00 6.60 -13.43
N PHE A 21 1.17 7.59 -13.72
CA PHE A 21 1.36 8.92 -13.18
C PHE A 21 1.23 8.92 -11.66
N TYR A 22 0.17 8.30 -11.16
CA TYR A 22 -0.01 8.12 -9.72
C TYR A 22 1.22 7.46 -9.11
N ALA A 23 1.69 6.39 -9.74
CA ALA A 23 2.84 5.65 -9.23
C ALA A 23 4.11 6.49 -9.19
N GLU A 24 4.37 7.21 -10.28
CA GLU A 24 5.59 8.02 -10.36
C GLU A 24 5.55 9.24 -9.44
N LEU A 25 4.39 9.88 -9.36
CA LEU A 25 4.16 10.93 -8.37
C LEU A 25 4.42 10.42 -6.96
N ASN A 26 3.92 9.22 -6.67
CA ASN A 26 4.13 8.64 -5.34
C ASN A 26 5.59 8.39 -5.04
N GLU A 27 6.35 7.97 -6.04
CA GLU A 27 7.79 7.74 -5.86
C GLU A 27 8.51 9.06 -5.58
N PHE A 28 8.18 10.06 -6.38
CA PHE A 28 8.79 11.38 -6.28
C PHE A 28 8.59 12.01 -4.91
N PHE A 29 7.32 12.04 -4.47
CA PHE A 29 6.93 12.72 -3.24
C PHE A 29 7.39 12.02 -1.97
N THR A 30 7.39 10.69 -1.97
CA THR A 30 7.81 9.95 -0.78
C THR A 30 9.27 10.26 -0.48
N ARG A 31 10.05 10.55 -1.51
CA ARG A 31 11.45 10.90 -1.31
C ARG A 31 11.61 12.41 -1.09
N GLU A 32 10.82 13.20 -1.80
CA GLU A 32 10.95 14.65 -1.71
C GLU A 32 10.29 15.23 -0.47
N LEU A 33 9.38 14.47 0.14
CA LEU A 33 8.69 14.93 1.34
C LEU A 33 8.78 13.90 2.49
N ALA A 34 10.01 13.48 2.78
CA ALA A 34 10.27 12.37 3.71
C ALA A 34 9.81 12.61 5.15
N GLU A 35 10.06 13.80 5.69
CA GLU A 35 9.70 14.09 7.09
C GLU A 35 8.46 14.97 7.22
N GLU A 36 7.94 15.44 6.09
CA GLU A 36 6.72 16.25 6.10
C GLU A 36 5.47 15.38 6.24
N GLY A 37 5.68 14.11 6.57
CA GLY A 37 4.59 13.18 6.85
C GLY A 37 3.70 12.99 5.64
N TYR A 38 4.33 12.68 4.50
CA TYR A 38 3.60 12.52 3.24
C TYR A 38 2.72 11.28 3.28
N SER A 39 1.45 11.45 2.92
CA SER A 39 0.49 10.34 2.89
C SER A 39 0.31 9.79 1.49
N GLY A 40 -0.30 10.60 0.62
CA GLY A 40 -0.56 10.21 -0.74
C GLY A 40 -0.92 11.40 -1.61
N VAL A 41 -1.54 11.14 -2.76
CA VAL A 41 -1.85 12.20 -3.70
C VAL A 41 -3.12 11.91 -4.49
N GLU A 42 -3.94 12.95 -4.67
CA GLU A 42 -5.11 12.90 -5.53
C GLU A 42 -4.75 13.74 -6.74
N VAL A 43 -5.30 13.42 -7.91
CA VAL A 43 -5.04 14.24 -9.09
C VAL A 43 -6.21 14.25 -10.08
N ARG A 44 -6.55 15.45 -10.53
CA ARG A 44 -7.63 15.68 -11.48
C ARG A 44 -7.12 16.45 -12.69
N VAL A 45 -7.67 16.17 -13.88
CA VAL A 45 -7.26 16.84 -15.11
C VAL A 45 -8.42 17.61 -15.74
N THR A 46 -8.15 18.85 -16.16
CA THR A 46 -9.17 19.77 -16.66
C THR A 46 -8.74 20.39 -18.01
N PRO A 47 -9.60 21.22 -18.64
CA PRO A 47 -9.18 22.02 -19.80
C PRO A 47 -7.85 22.76 -19.61
N THR A 48 -6.82 22.30 -20.30
CA THR A 48 -5.47 22.88 -20.26
C THR A 48 -4.93 23.25 -18.87
N LYS A 49 -5.43 22.56 -17.84
CA LYS A 49 -4.90 22.67 -16.48
C LYS A 49 -4.84 21.28 -15.83
N THR A 50 -3.81 21.01 -15.03
CA THR A 50 -3.71 19.73 -14.33
C THR A 50 -3.46 19.90 -12.82
N GLU A 51 -4.43 19.49 -12.00
CA GLU A 51 -4.38 19.70 -10.56
C GLU A 51 -3.85 18.50 -9.77
N VAL A 52 -2.84 18.74 -8.94
CA VAL A 52 -2.28 17.69 -8.09
C VAL A 52 -2.40 18.07 -6.62
N ILE A 53 -3.32 17.41 -5.91
CA ILE A 53 -3.52 17.66 -4.49
C ILE A 53 -2.58 16.77 -3.66
N ILE A 54 -1.69 17.40 -2.90
CA ILE A 54 -0.79 16.70 -1.98
C ILE A 54 -1.45 16.53 -0.61
N ARG A 55 -1.41 15.31 -0.09
CA ARG A 55 -1.98 15.01 1.23
C ARG A 55 -0.89 14.61 2.21
N ALA A 56 -0.80 15.34 3.32
CA ALA A 56 0.22 15.07 4.34
C ALA A 56 -0.38 15.23 5.72
N THR A 57 0.40 14.86 6.74
CA THR A 57 -0.06 14.99 8.13
C THR A 57 0.03 16.44 8.61
N ARG A 58 1.10 17.14 8.22
CA ARG A 58 1.24 18.57 8.51
C ARG A 58 1.52 19.34 7.22
N THR A 59 0.67 20.33 6.93
CA THR A 59 0.77 21.08 5.70
C THR A 59 1.60 22.36 5.84
N GLN A 60 2.07 22.61 7.06
CA GLN A 60 2.85 23.81 7.36
C GLN A 60 4.26 23.72 6.77
N ASP A 61 4.83 22.51 6.82
CA ASP A 61 6.14 22.25 6.25
C ASP A 61 6.06 22.18 4.73
N VAL A 62 4.92 21.71 4.24
CA VAL A 62 4.70 21.55 2.82
C VAL A 62 4.48 22.87 2.11
N LEU A 63 3.54 23.68 2.62
CA LEU A 63 3.32 25.01 2.05
C LEU A 63 4.56 25.88 2.29
N GLY A 64 5.10 25.79 3.49
CA GLY A 64 6.34 26.49 3.83
C GLY A 64 6.15 27.99 3.90
N GLU A 65 7.26 28.71 3.95
CA GLU A 65 7.25 30.16 4.05
C GLU A 65 6.69 30.82 2.79
N ASN A 66 5.41 31.17 2.82
CA ASN A 66 4.75 31.82 1.69
C ASN A 66 4.85 31.02 0.38
N GLY A 67 4.55 29.73 0.45
CA GLY A 67 4.59 28.87 -0.72
C GLY A 67 6.00 28.60 -1.24
N ARG A 68 6.99 28.75 -0.37
CA ARG A 68 8.39 28.57 -0.75
C ARG A 68 8.65 27.13 -1.18
N ARG A 69 8.18 26.20 -0.36
CA ARG A 69 8.36 24.78 -0.61
C ARG A 69 7.43 24.33 -1.74
N ILE A 70 6.24 24.92 -1.80
CA ILE A 70 5.27 24.61 -2.87
C ILE A 70 5.78 24.99 -4.25
N ASN A 71 6.18 26.25 -4.43
CA ASN A 71 6.62 26.74 -5.73
C ASN A 71 7.91 26.06 -6.19
N GLU A 72 8.76 25.71 -5.23
CA GLU A 72 9.98 24.95 -5.54
C GLU A 72 9.62 23.58 -6.12
N LEU A 73 8.70 22.88 -5.44
CA LEU A 73 8.19 21.60 -5.91
C LEU A 73 7.57 21.71 -7.29
N THR A 74 6.60 22.62 -7.41
CA THR A 74 5.88 22.85 -8.68
C THR A 74 6.82 22.99 -9.89
N LEU A 75 7.95 23.64 -9.70
CA LEU A 75 8.92 23.79 -10.78
C LEU A 75 9.79 22.55 -10.91
N LEU A 76 10.14 21.94 -9.78
CA LEU A 76 10.96 20.72 -9.80
C LEU A 76 10.16 19.55 -10.36
N VAL A 77 8.84 19.69 -10.32
CA VAL A 77 7.95 18.68 -10.90
C VAL A 77 7.86 18.86 -12.42
N GLN A 78 7.82 20.11 -12.86
CA GLN A 78 7.88 20.42 -14.29
C GLN A 78 9.12 19.81 -14.93
N LYS A 79 10.27 19.91 -14.26
CA LYS A 79 11.55 19.42 -14.79
C LYS A 79 11.60 17.89 -14.83
N ARG A 80 10.94 17.25 -13.88
CA ARG A 80 10.95 15.80 -13.79
C ARG A 80 9.90 15.13 -14.68
N PHE A 81 8.76 15.80 -14.87
CA PHE A 81 7.67 15.22 -15.67
C PHE A 81 7.41 15.95 -16.97
N LYS A 82 8.28 16.92 -17.28
CA LYS A 82 8.23 17.60 -18.56
C LYS A 82 6.86 18.24 -18.86
N TYR A 83 6.36 19.01 -17.89
CA TYR A 83 5.19 19.86 -18.09
C TYR A 83 5.67 21.27 -18.38
N ALA A 84 4.99 21.95 -19.30
CA ALA A 84 5.30 23.35 -19.58
C ALA A 84 4.77 24.23 -18.44
N PRO A 85 5.49 25.32 -18.12
CA PRO A 85 5.11 26.19 -17.00
C PRO A 85 3.69 26.73 -17.13
N GLY A 86 2.88 26.58 -16.08
CA GLY A 86 1.51 27.05 -16.10
C GLY A 86 0.48 25.97 -16.43
N THR A 87 0.95 24.73 -16.58
CA THR A 87 0.06 23.62 -16.93
C THR A 87 -0.27 22.72 -15.74
N ILE A 88 0.49 22.87 -14.65
CA ILE A 88 0.19 22.18 -13.40
C ILE A 88 0.31 23.11 -12.19
N VAL A 89 -0.44 22.78 -11.14
CA VAL A 89 -0.40 23.52 -9.89
C VAL A 89 -0.57 22.57 -8.70
N LEU A 90 0.06 22.89 -7.58
CA LEU A 90 0.10 22.00 -6.44
C LEU A 90 -0.77 22.50 -5.30
N TYR A 91 -1.67 21.64 -4.82
CA TYR A 91 -2.52 21.95 -3.67
C TYR A 91 -2.10 21.14 -2.44
N ALA A 92 -2.68 21.45 -1.29
CA ALA A 92 -2.39 20.71 -0.07
C ALA A 92 -3.64 20.46 0.77
N GLU A 93 -3.71 19.27 1.37
CA GLU A 93 -4.79 18.91 2.26
C GLU A 93 -4.24 18.13 3.45
N ARG A 94 -4.74 18.45 4.64
CA ARG A 94 -4.36 17.71 5.84
C ARG A 94 -5.26 16.48 5.96
N VAL A 95 -4.65 15.31 6.11
CA VAL A 95 -5.39 14.08 6.32
C VAL A 95 -4.75 13.31 7.45
N GLN A 96 -5.52 12.43 8.08
CA GLN A 96 -4.95 11.55 9.09
C GLN A 96 -4.18 10.42 8.41
N ASP A 97 -3.05 10.06 9.00
CA ASP A 97 -2.30 8.88 8.58
C ASP A 97 -3.20 7.65 8.69
N ARG A 98 -3.27 6.89 7.61
CA ARG A 98 -4.17 5.74 7.50
C ARG A 98 -3.77 4.59 8.43
N GLY A 99 -2.47 4.40 8.64
CA GLY A 99 -1.97 3.30 9.45
C GLY A 99 -1.99 3.59 10.94
N LEU A 100 -2.38 4.80 11.29
CA LEU A 100 -2.43 5.21 12.69
C LEU A 100 -3.86 5.55 13.04
N SER A 101 -4.74 5.40 12.05
CA SER A 101 -6.15 5.69 12.24
C SER A 101 -6.92 4.46 12.69
N ALA A 102 -7.35 4.48 13.95
CA ALA A 102 -8.13 3.39 14.51
C ALA A 102 -9.41 3.20 13.70
N VAL A 103 -10.02 4.31 13.35
CA VAL A 103 -11.24 4.27 12.57
C VAL A 103 -11.03 3.59 11.22
N ALA A 104 -9.99 3.96 10.49
CA ALA A 104 -9.73 3.33 9.20
C ALA A 104 -9.40 1.84 9.32
N GLN A 105 -8.73 1.44 10.39
CA GLN A 105 -8.32 0.06 10.48
C GLN A 105 -9.47 -0.83 10.90
N ALA A 106 -10.39 -0.27 11.67
CA ALA A 106 -11.58 -1.02 12.06
C ALA A 106 -12.46 -1.22 10.83
N GLU A 107 -12.58 -0.16 10.02
CA GLU A 107 -13.36 -0.26 8.79
C GLU A 107 -12.69 -1.28 7.90
N SER A 108 -11.35 -1.23 7.85
CA SER A 108 -10.58 -2.15 7.03
C SER A 108 -10.83 -3.60 7.46
N MET A 109 -10.82 -3.83 8.77
CA MET A 109 -11.11 -5.14 9.32
C MET A 109 -12.53 -5.60 8.94
N LYS A 110 -13.46 -4.65 8.90
CA LYS A 110 -14.82 -4.94 8.48
C LYS A 110 -14.83 -5.44 7.05
N PHE A 111 -14.08 -4.77 6.18
CA PHE A 111 -14.03 -5.19 4.80
C PHE A 111 -13.48 -6.60 4.73
N LYS A 112 -12.31 -6.80 5.32
CA LYS A 112 -11.66 -8.10 5.37
C LYS A 112 -12.64 -9.24 5.76
N LEU A 113 -13.31 -9.08 6.89
CA LEU A 113 -14.24 -10.11 7.35
C LEU A 113 -15.39 -10.38 6.37
N LEU A 114 -15.94 -9.32 5.78
CA LEU A 114 -17.08 -9.43 4.87
C LEU A 114 -16.69 -10.06 3.56
N ASN A 115 -15.40 -10.19 3.32
CA ASN A 115 -14.93 -10.85 2.10
C ASN A 115 -14.21 -12.17 2.36
N GLY A 116 -14.64 -12.87 3.40
CA GLY A 116 -14.28 -14.27 3.59
C GLY A 116 -12.88 -14.56 4.10
N LEU A 117 -12.24 -13.54 4.65
CA LEU A 117 -10.92 -13.70 5.22
C LEU A 117 -11.04 -14.16 6.68
N ALA A 118 -10.27 -15.17 7.04
CA ALA A 118 -10.29 -15.69 8.41
C ALA A 118 -9.90 -14.58 9.37
N ILE A 119 -10.47 -14.58 10.58
CA ILE A 119 -10.23 -13.54 11.58
C ILE A 119 -8.74 -13.36 11.84
N ARG A 120 -8.04 -14.46 12.05
CA ARG A 120 -6.62 -14.43 12.38
C ARG A 120 -5.82 -13.76 11.27
N ARG A 121 -6.19 -14.05 10.02
CA ARG A 121 -5.46 -13.51 8.90
C ARG A 121 -5.76 -12.02 8.73
N ALA A 122 -7.00 -11.63 8.99
CA ALA A 122 -7.40 -10.23 8.90
C ALA A 122 -6.67 -9.42 9.95
N ALA A 123 -6.80 -9.83 11.21
CA ALA A 123 -6.03 -9.27 12.31
C ALA A 123 -4.53 -9.10 12.00
N TYR A 124 -3.91 -10.15 11.47
CA TYR A 124 -2.49 -10.11 11.08
C TYR A 124 -2.20 -9.02 10.08
N GLY A 125 -3.03 -8.93 9.04
CA GLY A 125 -2.90 -7.90 8.03
C GLY A 125 -2.89 -6.51 8.66
N VAL A 126 -3.91 -6.21 9.44
CA VAL A 126 -4.00 -4.91 10.07
C VAL A 126 -2.83 -4.62 11.00
N VAL A 127 -2.51 -5.57 11.86
CA VAL A 127 -1.39 -5.42 12.77
C VAL A 127 -0.06 -5.15 12.02
N ARG A 128 0.19 -5.92 10.96
CA ARG A 128 1.37 -5.71 10.12
C ARG A 128 1.40 -4.30 9.52
N TYR A 129 0.28 -3.88 8.95
CA TYR A 129 0.18 -2.56 8.36
C TYR A 129 0.41 -1.44 9.37
N VAL A 130 -0.11 -1.61 10.57
CA VAL A 130 -0.05 -0.53 11.55
C VAL A 130 1.36 -0.33 12.11
N MET A 131 2.06 -1.43 12.32
CA MET A 131 3.44 -1.38 12.81
C MET A 131 4.39 -0.85 11.74
N GLU A 132 4.22 -1.32 10.50
CA GLU A 132 4.98 -0.79 9.37
C GLU A 132 4.70 0.71 9.19
N SER A 133 3.53 1.15 9.63
CA SER A 133 3.18 2.57 9.59
C SER A 133 3.80 3.35 10.73
N GLY A 134 4.47 2.64 11.64
CA GLY A 134 5.25 3.28 12.69
C GLY A 134 4.57 3.47 14.03
N ALA A 135 3.50 2.73 14.29
CA ALA A 135 2.87 2.77 15.62
C ALA A 135 3.76 2.10 16.66
N LYS A 136 3.52 2.44 17.94
CA LYS A 136 4.24 1.81 19.04
C LYS A 136 3.54 0.51 19.43
N GLY A 137 2.24 0.44 19.19
CA GLY A 137 1.50 -0.75 19.53
C GLY A 137 0.16 -0.84 18.84
N CYS A 138 -0.31 -2.05 18.65
CA CYS A 138 -1.57 -2.29 17.97
C CYS A 138 -2.32 -3.43 18.64
N GLU A 139 -3.64 -3.27 18.81
CA GLU A 139 -4.49 -4.38 19.26
C GLU A 139 -5.76 -4.53 18.40
N VAL A 140 -6.00 -5.75 17.93
CA VAL A 140 -7.25 -6.10 17.25
C VAL A 140 -8.01 -7.17 18.04
N VAL A 141 -9.33 -7.00 18.19
CA VAL A 141 -10.15 -8.00 18.87
C VAL A 141 -11.43 -8.18 18.10
N VAL A 142 -11.77 -9.43 17.81
CA VAL A 142 -13.04 -9.75 17.16
C VAL A 142 -13.87 -10.63 18.09
N SER A 143 -15.14 -10.27 18.28
CA SER A 143 -16.00 -11.00 19.21
C SER A 143 -17.37 -11.42 18.63
N GLY A 144 -17.97 -12.43 19.25
CA GLY A 144 -19.27 -12.96 18.84
C GLY A 144 -19.33 -14.47 18.97
N LYS A 145 -20.18 -15.12 18.19
CA LYS A 145 -20.23 -16.59 18.17
C LYS A 145 -19.20 -17.12 17.15
N LEU A 146 -17.92 -17.04 17.51
CA LEU A 146 -16.83 -17.39 16.58
C LEU A 146 -16.64 -18.90 16.42
N ARG A 147 -17.12 -19.67 17.40
CA ARG A 147 -17.00 -21.13 17.37
C ARG A 147 -18.27 -21.78 17.91
N ALA A 148 -18.40 -23.08 17.66
CA ALA A 148 -19.58 -23.84 18.10
C ALA A 148 -19.60 -24.05 19.61
N ALA A 149 -20.76 -23.83 20.21
CA ALA A 149 -20.93 -24.00 21.65
C ALA A 149 -22.36 -24.43 21.94
N ARG A 150 -22.55 -25.18 23.03
CA ARG A 150 -23.88 -25.71 23.35
C ARG A 150 -24.84 -24.66 23.88
N ALA A 151 -24.33 -23.70 24.64
CA ALA A 151 -25.15 -22.59 25.10
C ALA A 151 -25.19 -21.50 24.04
N LYS A 152 -26.40 -21.11 23.64
CA LYS A 152 -26.57 -20.09 22.62
C LYS A 152 -26.01 -18.72 23.04
N ALA A 153 -25.92 -18.50 24.36
CA ALA A 153 -25.48 -17.21 24.89
C ALA A 153 -23.95 -17.13 25.08
N MET A 154 -23.26 -18.22 24.77
CA MET A 154 -21.80 -18.28 24.92
C MET A 154 -21.13 -17.52 23.80
N LYS A 155 -20.28 -16.55 24.16
CA LYS A 155 -19.59 -15.74 23.16
C LYS A 155 -18.07 -15.77 23.32
N PHE A 156 -17.37 -15.52 22.21
CA PHE A 156 -15.91 -15.59 22.19
C PHE A 156 -15.28 -14.24 21.81
N ALA A 157 -13.98 -14.13 22.08
CA ALA A 157 -13.17 -13.01 21.61
C ALA A 157 -11.77 -13.53 21.31
N ASP A 158 -11.28 -13.27 20.10
CA ASP A 158 -9.88 -13.53 19.78
C ASP A 158 -9.17 -12.19 19.72
N GLY A 159 -8.14 -12.03 20.53
CA GLY A 159 -7.34 -10.82 20.55
C GLY A 159 -5.95 -11.04 19.99
N PHE A 160 -5.43 -9.99 19.37
CA PHE A 160 -4.09 -9.99 18.76
C PHE A 160 -3.41 -8.65 19.10
N LEU A 161 -2.21 -8.70 19.64
CA LEU A 161 -1.59 -7.46 20.11
C LEU A 161 -0.07 -7.44 19.97
N ILE A 162 0.48 -6.25 19.69
CA ILE A 162 1.91 -6.04 19.78
C ILE A 162 2.16 -4.85 20.67
N HIS A 163 3.02 -5.05 21.69
CA HIS A 163 3.43 -4.01 22.64
C HIS A 163 2.26 -3.28 23.28
N SER A 164 1.40 -4.02 23.99
CA SER A 164 0.30 -3.42 24.75
C SER A 164 0.28 -3.92 26.19
N GLY A 165 0.41 -2.99 27.14
CA GLY A 165 0.30 -3.31 28.56
C GLY A 165 1.59 -3.71 29.26
N GLN A 166 1.55 -3.71 30.58
CA GLN A 166 2.70 -4.11 31.40
C GLN A 166 2.35 -5.40 32.13
N PRO A 167 3.38 -6.13 32.62
CA PRO A 167 3.16 -7.27 33.50
C PRO A 167 2.42 -6.88 34.79
N VAL A 168 2.50 -5.61 35.15
CA VAL A 168 1.96 -5.14 36.43
C VAL A 168 0.42 -4.96 36.37
N ASN A 169 -0.12 -4.99 35.15
CA ASN A 169 -1.57 -4.96 34.92
C ASN A 169 -2.27 -6.24 35.39
N ASP A 170 -1.48 -7.31 35.56
CA ASP A 170 -1.98 -8.61 36.00
C ASP A 170 -1.98 -8.69 37.52
N PHE A 171 -1.80 -7.54 38.16
CA PHE A 171 -1.91 -7.46 39.60
C PHE A 171 -3.03 -6.48 39.97
N ILE A 172 -4.04 -6.36 39.10
CA ILE A 172 -5.14 -5.43 39.33
C ILE A 172 -6.48 -6.12 39.57
N ASP A 173 -7.08 -5.81 40.73
CA ASP A 173 -8.43 -6.27 41.05
C ASP A 173 -9.36 -5.08 41.14
N THR A 174 -10.56 -5.22 40.63
CA THR A 174 -11.52 -4.13 40.72
C THR A 174 -12.85 -4.60 41.28
N ALA A 175 -13.46 -3.76 42.08
CA ALA A 175 -14.85 -3.99 42.47
C ALA A 175 -15.69 -2.75 42.19
N THR A 176 -16.97 -2.95 41.93
CA THR A 176 -17.91 -1.84 41.88
C THR A 176 -19.06 -2.05 42.86
N ARG A 177 -19.57 -0.94 43.39
CA ARG A 177 -20.81 -0.93 44.16
C ARG A 177 -21.78 0.11 43.58
N HIS A 178 -23.06 -0.09 43.87
CA HIS A 178 -24.16 0.74 43.43
C HIS A 178 -24.85 1.25 44.68
N VAL A 179 -24.76 2.55 44.95
CA VAL A 179 -25.32 3.07 46.21
C VAL A 179 -26.50 4.05 46.05
N LEU A 180 -27.55 3.84 46.84
CA LEU A 180 -28.70 4.71 46.83
C LEU A 180 -28.53 5.89 47.78
N MET A 181 -28.50 7.10 47.22
CA MET A 181 -28.38 8.35 47.96
C MET A 181 -29.61 9.22 47.68
N ARG A 182 -29.79 10.28 48.47
CA ARG A 182 -30.91 11.22 48.22
C ARG A 182 -30.79 11.90 46.87
N GLN A 183 -29.60 12.45 46.60
CA GLN A 183 -29.33 13.22 45.39
C GLN A 183 -29.49 12.40 44.11
N GLY A 184 -29.42 11.08 44.25
CA GLY A 184 -29.59 10.17 43.13
C GLY A 184 -28.77 8.93 43.40
N VAL A 185 -28.73 8.03 42.43
CA VAL A 185 -27.95 6.81 42.57
C VAL A 185 -26.51 7.03 42.13
N LEU A 186 -25.58 6.68 43.00
CA LEU A 186 -24.15 6.82 42.73
C LEU A 186 -23.49 5.49 42.38
N GLY A 187 -22.47 5.56 41.54
CA GLY A 187 -21.68 4.40 41.17
C GLY A 187 -20.31 4.51 41.81
N ILE A 188 -19.82 3.41 42.34
CA ILE A 188 -18.49 3.41 42.95
C ILE A 188 -17.61 2.37 42.26
N LYS A 189 -16.38 2.75 41.93
CA LYS A 189 -15.45 1.81 41.34
C LYS A 189 -14.12 1.91 42.09
N VAL A 190 -13.60 0.76 42.51
CA VAL A 190 -12.31 0.75 43.18
C VAL A 190 -11.32 -0.18 42.48
N LYS A 191 -10.16 0.38 42.14
CA LYS A 191 -9.07 -0.37 41.52
C LYS A 191 -7.89 -0.43 42.48
N ILE A 192 -7.43 -1.64 42.77
CA ILE A 192 -6.21 -1.82 43.56
C ILE A 192 -5.22 -2.63 42.75
N MET A 193 -4.03 -2.07 42.56
CA MET A 193 -2.92 -2.77 41.93
C MET A 193 -1.99 -3.27 43.02
N ARG A 194 -1.98 -4.58 43.26
CA ARG A 194 -1.11 -5.20 44.28
C ARG A 194 0.37 -5.04 43.94
N ASP A 195 1.22 -4.97 44.96
CA ASP A 195 2.66 -4.86 44.75
C ASP A 195 3.27 -6.26 44.49
N PRO A 196 3.80 -6.49 43.28
CA PRO A 196 4.43 -7.79 43.01
C PRO A 196 5.57 -8.05 43.98
N ALA A 197 6.32 -7.00 44.34
CA ALA A 197 7.46 -7.14 45.23
C ALA A 197 7.08 -7.44 46.68
N LYS A 198 5.84 -7.86 46.90
CA LYS A 198 5.35 -8.25 48.22
C LYS A 198 4.74 -9.64 48.19
N SER A 199 4.88 -10.32 47.04
CA SER A 199 4.31 -11.65 46.86
C SER A 199 5.30 -12.55 46.14
N ARG A 200 6.45 -11.96 45.78
CA ARG A 200 7.52 -12.72 45.17
C ARG A 200 8.06 -13.78 46.14
N THR A 201 8.10 -15.03 45.70
CA THR A 201 8.55 -16.16 46.51
C THR A 201 9.93 -15.94 47.14
N GLY A 202 10.01 -16.08 48.47
CA GLY A 202 11.28 -15.99 49.17
C GLY A 202 11.79 -14.58 49.39
N PRO B 9 22.80 -2.49 -29.75
CA PRO B 9 21.54 -2.93 -30.37
C PRO B 9 20.44 -1.88 -30.28
N LEU B 10 19.56 -2.03 -29.31
CA LEU B 10 18.35 -1.21 -29.20
C LEU B 10 18.55 0.06 -28.40
N ASP B 11 18.40 1.21 -29.06
CA ASP B 11 18.65 2.51 -28.41
C ASP B 11 17.51 3.02 -27.54
N GLN B 12 17.83 4.04 -26.72
CA GLN B 12 16.92 4.57 -25.71
C GLN B 12 15.61 5.09 -26.28
N GLU B 13 15.69 5.80 -27.41
CA GLU B 13 14.53 6.43 -28.02
C GLU B 13 13.48 5.39 -28.44
N ASP B 14 13.96 4.24 -28.88
CA ASP B 14 13.07 3.17 -29.31
C ASP B 14 12.63 2.30 -28.15
N GLN B 15 13.43 2.25 -27.08
CA GLN B 15 12.97 1.60 -25.85
C GLN B 15 11.80 2.39 -25.29
N ASP B 16 11.93 3.72 -25.32
CA ASP B 16 10.87 4.63 -24.86
C ASP B 16 9.56 4.45 -25.63
N THR B 17 9.66 4.40 -26.96
CA THR B 17 8.49 4.21 -27.80
C THR B 17 7.74 2.90 -27.49
N ILE B 18 8.50 1.83 -27.28
CA ILE B 18 7.95 0.53 -26.91
C ILE B 18 7.18 0.55 -25.58
N ILE B 19 7.74 1.22 -24.57
CA ILE B 19 7.07 1.27 -23.27
C ILE B 19 5.98 2.34 -23.19
N LEU B 20 6.05 3.35 -24.04
CA LEU B 20 4.96 4.32 -24.14
C LEU B 20 3.72 3.62 -24.70
N ASP B 21 3.97 2.63 -25.55
CA ASP B 21 2.92 1.82 -26.17
C ASP B 21 2.34 0.79 -25.22
N ALA B 22 3.17 0.29 -24.32
CA ALA B 22 2.69 -0.55 -23.24
C ALA B 22 1.81 0.27 -22.30
N ARG B 23 2.25 1.50 -22.03
CA ARG B 23 1.51 2.42 -21.18
C ARG B 23 0.13 2.67 -21.76
N ALA B 24 0.11 3.10 -23.02
CA ALA B 24 -1.14 3.39 -23.72
C ALA B 24 -2.06 2.17 -23.80
N GLY B 25 -1.49 0.97 -23.82
CA GLY B 25 -2.26 -0.24 -24.04
C GLY B 25 -2.40 -0.62 -25.51
N ASP B 26 -1.62 0.01 -26.39
CA ASP B 26 -1.67 -0.33 -27.81
C ASP B 26 -1.04 -1.70 -28.02
N LEU B 27 -1.80 -2.74 -27.69
CA LEU B 27 -1.32 -4.10 -27.89
C LEU B 27 -1.09 -4.37 -29.36
N ASP B 28 -1.90 -3.76 -30.21
CA ASP B 28 -1.79 -3.97 -31.66
C ASP B 28 -0.40 -3.61 -32.20
N SER B 29 0.09 -2.42 -31.87
CA SER B 29 1.43 -2.07 -32.34
C SER B 29 2.54 -2.77 -31.57
N LEU B 30 2.22 -3.35 -30.41
CA LEU B 30 3.20 -4.15 -29.70
C LEU B 30 3.54 -5.47 -30.41
N LYS B 31 2.52 -6.23 -30.80
CA LYS B 31 2.72 -7.46 -31.55
C LYS B 31 3.38 -7.12 -32.87
N ASP B 32 2.95 -6.00 -33.45
CA ASP B 32 3.51 -5.44 -34.67
C ASP B 32 5.02 -5.33 -34.51
N ILE B 33 5.45 -4.70 -33.44
CA ILE B 33 6.87 -4.44 -33.21
C ILE B 33 7.68 -5.71 -33.00
N PHE B 34 7.14 -6.67 -32.26
CA PHE B 34 7.92 -7.85 -31.89
C PHE B 34 7.80 -9.06 -32.81
N THR B 35 6.96 -8.96 -33.83
CA THR B 35 6.96 -9.98 -34.87
C THR B 35 7.90 -9.57 -36.01
N THR B 36 8.11 -8.26 -36.19
CA THR B 36 8.80 -7.78 -37.39
C THR B 36 10.02 -6.86 -37.19
N LEU B 37 9.98 -5.98 -36.20
CA LEU B 37 10.99 -4.92 -36.10
C LEU B 37 12.04 -5.14 -35.01
N VAL B 38 11.64 -5.78 -33.91
CA VAL B 38 12.58 -6.09 -32.84
C VAL B 38 12.43 -7.55 -32.42
N SER B 39 13.52 -8.19 -32.04
CA SER B 39 13.43 -9.54 -31.49
C SER B 39 12.69 -9.52 -30.17
N PRO B 40 11.80 -10.51 -29.97
CA PRO B 40 11.04 -10.62 -28.72
C PRO B 40 11.98 -10.91 -27.55
N GLU B 41 13.18 -11.38 -27.86
CA GLU B 41 14.20 -11.69 -26.87
C GLU B 41 14.68 -10.44 -26.15
N LEU B 42 14.41 -9.28 -26.76
CA LEU B 42 14.90 -8.00 -26.28
C LEU B 42 13.86 -7.16 -25.54
N LEU B 43 12.62 -7.66 -25.52
CA LEU B 43 11.53 -6.98 -24.82
C LEU B 43 11.85 -6.81 -23.35
N SER B 44 12.46 -7.83 -22.75
CA SER B 44 12.79 -7.80 -21.34
C SER B 44 13.90 -6.81 -20.97
N THR B 45 14.45 -6.11 -21.96
CA THR B 45 15.57 -5.19 -21.72
C THR B 45 15.19 -3.71 -21.89
N CYS B 46 13.99 -3.45 -22.40
CA CYS B 46 13.54 -2.08 -22.60
C CYS B 46 13.18 -1.42 -21.29
N LYS B 47 13.90 -0.35 -20.95
CA LYS B 47 13.68 0.33 -19.68
C LYS B 47 13.60 1.82 -19.92
N GLU B 48 12.73 2.51 -19.16
CA GLU B 48 12.55 3.96 -19.32
C GLU B 48 13.85 4.69 -19.01
N SER B 49 13.94 5.93 -19.46
CA SER B 49 15.16 6.72 -19.34
C SER B 49 15.45 7.07 -17.88
N GLU B 50 14.48 7.69 -17.23
CA GLU B 50 14.66 8.22 -15.89
C GLU B 50 14.52 7.14 -14.82
N SER B 51 13.46 6.34 -14.91
CA SER B 51 13.06 5.49 -13.80
C SER B 51 13.67 4.09 -13.77
N ASP B 52 14.00 3.56 -14.95
CA ASP B 52 14.47 2.17 -15.15
C ASP B 52 13.30 1.18 -15.14
N SER B 53 12.08 1.72 -15.15
CA SER B 53 10.85 0.93 -15.16
C SER B 53 10.64 0.21 -16.48
N THR B 54 10.22 -1.05 -16.41
CA THR B 54 9.99 -1.84 -17.62
C THR B 54 8.60 -1.62 -18.23
N ALA B 55 8.35 -2.28 -19.35
CA ALA B 55 7.05 -2.20 -20.01
C ALA B 55 5.99 -2.90 -19.17
N LEU B 56 6.40 -3.93 -18.44
CA LEU B 56 5.52 -4.60 -17.51
C LEU B 56 4.98 -3.58 -16.49
N HIS B 57 5.87 -2.74 -15.95
CA HIS B 57 5.46 -1.67 -15.06
C HIS B 57 4.31 -0.84 -15.63
N MET B 58 4.51 -0.32 -16.83
CA MET B 58 3.54 0.59 -17.43
C MET B 58 2.18 -0.06 -17.63
N ALA B 59 2.17 -1.22 -18.26
CA ALA B 59 0.92 -1.93 -18.52
C ALA B 59 0.23 -2.34 -17.21
N ALA B 60 1.04 -2.66 -16.20
CA ALA B 60 0.50 -3.15 -14.93
C ALA B 60 -0.17 -2.04 -14.15
N ALA B 61 0.46 -0.87 -14.15
CA ALA B 61 -0.05 0.29 -13.42
C ALA B 61 -1.37 0.75 -14.03
N ASN B 62 -1.54 0.48 -15.32
CA ASN B 62 -2.71 0.96 -16.06
C ASN B 62 -3.81 -0.08 -16.28
N GLY B 63 -3.63 -1.27 -15.72
CA GLY B 63 -4.66 -2.28 -15.70
C GLY B 63 -5.01 -2.90 -17.04
N HIS B 64 -4.10 -2.77 -18.02
CA HIS B 64 -4.27 -3.34 -19.35
C HIS B 64 -3.91 -4.82 -19.36
N ILE B 65 -4.84 -5.63 -18.87
CA ILE B 65 -4.62 -7.06 -18.67
C ILE B 65 -4.17 -7.82 -19.95
N GLU B 66 -4.70 -7.46 -21.11
CA GLU B 66 -4.35 -8.18 -22.34
C GLU B 66 -2.93 -7.85 -22.78
N THR B 67 -2.57 -6.59 -22.63
CA THR B 67 -1.20 -6.16 -22.90
C THR B 67 -0.25 -6.84 -21.91
N VAL B 68 -0.64 -6.86 -20.64
CA VAL B 68 0.18 -7.48 -19.59
C VAL B 68 0.43 -8.97 -19.85
N ARG B 69 -0.63 -9.69 -20.18
CA ARG B 69 -0.51 -11.11 -20.47
C ARG B 69 0.38 -11.35 -21.69
N TYR B 70 0.24 -10.50 -22.70
CA TYR B 70 1.07 -10.62 -23.90
C TYR B 70 2.55 -10.44 -23.57
N ILE B 71 2.86 -9.37 -22.85
CA ILE B 71 4.22 -9.09 -22.45
C ILE B 71 4.80 -10.30 -21.72
N LEU B 72 4.02 -10.88 -20.82
CA LEU B 72 4.50 -12.01 -20.04
C LEU B 72 4.68 -13.26 -20.90
N GLU B 73 3.70 -13.54 -21.75
CA GLU B 73 3.78 -14.70 -22.64
C GLU B 73 5.04 -14.64 -23.53
N THR B 74 5.22 -13.49 -24.18
CA THR B 74 6.36 -13.24 -25.03
C THR B 74 7.71 -13.39 -24.31
N VAL B 75 7.84 -12.78 -23.15
CA VAL B 75 9.09 -12.88 -22.40
C VAL B 75 9.39 -14.33 -22.01
N SER B 76 8.35 -15.03 -21.56
CA SER B 76 8.45 -16.44 -21.14
C SER B 76 8.89 -17.32 -22.29
N ARG B 77 8.30 -17.10 -23.45
CA ARG B 77 8.58 -17.88 -24.65
C ARG B 77 9.99 -17.63 -25.19
N ALA B 78 10.45 -16.38 -25.09
CA ALA B 78 11.70 -15.96 -25.73
C ALA B 78 12.94 -15.96 -24.83
N ASN B 79 12.76 -16.20 -23.55
CA ASN B 79 13.87 -16.16 -22.61
C ASN B 79 13.99 -17.39 -21.71
N SER B 80 15.09 -17.50 -20.97
CA SER B 80 15.28 -18.60 -20.05
C SER B 80 14.34 -18.42 -18.86
N ALA B 81 14.14 -19.48 -18.09
CA ALA B 81 13.24 -19.44 -16.94
C ALA B 81 13.78 -18.47 -15.88
N GLU B 82 15.10 -18.42 -15.78
CA GLU B 82 15.77 -17.51 -14.84
C GLU B 82 15.57 -16.07 -15.28
N ASP B 83 15.66 -15.84 -16.58
CA ASP B 83 15.49 -14.51 -17.14
C ASP B 83 14.05 -13.99 -16.97
N LEU B 84 13.10 -14.91 -16.99
CA LEU B 84 11.68 -14.58 -16.78
C LEU B 84 11.41 -14.17 -15.33
N LYS B 85 12.00 -14.90 -14.39
CA LYS B 85 11.82 -14.58 -12.98
C LYS B 85 12.43 -13.20 -12.68
N ALA B 86 13.62 -12.95 -13.21
CA ALA B 86 14.32 -11.69 -12.98
C ALA B 86 13.58 -10.52 -13.61
N PHE B 87 12.75 -10.81 -14.61
CA PHE B 87 11.99 -9.76 -15.29
C PHE B 87 10.71 -9.37 -14.54
N VAL B 88 9.93 -10.37 -14.15
CA VAL B 88 8.69 -10.12 -13.44
C VAL B 88 8.94 -9.34 -12.16
N ASN B 89 10.05 -9.66 -11.51
CA ASN B 89 10.38 -9.06 -10.24
C ASN B 89 11.39 -7.94 -10.39
N GLU B 90 11.54 -7.42 -11.61
CA GLU B 90 12.48 -6.34 -11.88
C GLU B 90 12.01 -5.07 -11.18
N VAL B 91 12.96 -4.35 -10.59
CA VAL B 91 12.68 -3.14 -9.83
C VAL B 91 13.27 -1.90 -10.51
N ASN B 92 12.59 -0.77 -10.41
CA ASN B 92 13.12 0.47 -10.98
C ASN B 92 14.08 1.16 -10.00
N LYS B 93 14.51 2.38 -10.30
CA LYS B 93 15.48 3.07 -9.44
C LYS B 93 14.96 3.24 -8.01
N THR B 94 13.63 3.27 -7.89
CA THR B 94 12.98 3.49 -6.61
C THR B 94 12.74 2.15 -5.90
N GLY B 95 13.06 1.06 -6.60
CA GLY B 95 13.00 -0.28 -6.03
C GLY B 95 11.63 -0.94 -6.14
N ASN B 96 10.81 -0.44 -7.05
CA ASN B 96 9.45 -0.95 -7.20
C ASN B 96 9.29 -1.98 -8.33
N THR B 97 8.56 -3.05 -8.05
CA THR B 97 8.21 -4.03 -9.05
C THR B 97 6.96 -3.53 -9.76
N ALA B 98 6.64 -4.17 -10.88
CA ALA B 98 5.37 -3.90 -11.54
C ALA B 98 4.21 -4.18 -10.57
N LEU B 99 4.40 -5.20 -9.73
CA LEU B 99 3.40 -5.58 -8.77
C LEU B 99 3.09 -4.43 -7.83
N HIS B 100 4.15 -3.75 -7.34
CA HIS B 100 4.00 -2.59 -6.47
C HIS B 100 3.05 -1.57 -7.08
N TRP B 101 3.28 -1.25 -8.35
CA TRP B 101 2.47 -0.26 -9.03
C TRP B 101 1.03 -0.72 -9.25
N ALA B 102 0.88 -1.99 -9.62
CA ALA B 102 -0.43 -2.58 -9.82
C ALA B 102 -1.22 -2.55 -8.50
N SER B 103 -0.52 -2.74 -7.38
CA SER B 103 -1.19 -2.76 -6.08
C SER B 103 -1.56 -1.36 -5.64
N LEU B 104 -0.66 -0.40 -5.86
CA LEU B 104 -0.96 0.99 -5.59
C LEU B 104 -2.21 1.45 -6.36
N ASN B 105 -2.32 1.04 -7.61
CA ASN B 105 -3.44 1.45 -8.44
C ASN B 105 -4.62 0.51 -8.37
N GLY B 106 -4.54 -0.49 -7.51
CA GLY B 106 -5.64 -1.39 -7.24
C GLY B 106 -6.15 -2.18 -8.44
N LYS B 107 -5.22 -2.61 -9.29
CA LYS B 107 -5.57 -3.38 -10.47
C LYS B 107 -5.57 -4.88 -10.16
N LEU B 108 -6.72 -5.39 -9.73
CA LEU B 108 -6.83 -6.79 -9.28
C LEU B 108 -6.51 -7.87 -10.32
N ASP B 109 -7.02 -7.71 -11.55
CA ASP B 109 -6.82 -8.70 -12.60
C ASP B 109 -5.33 -8.90 -12.92
N VAL B 110 -4.61 -7.79 -12.99
CA VAL B 110 -3.17 -7.81 -13.23
C VAL B 110 -2.46 -8.54 -12.09
N VAL B 111 -2.88 -8.25 -10.87
CA VAL B 111 -2.25 -8.81 -9.68
C VAL B 111 -2.42 -10.32 -9.60
N LYS B 112 -3.64 -10.80 -9.86
CA LYS B 112 -3.87 -12.24 -9.90
C LYS B 112 -3.05 -12.89 -11.01
N LEU B 113 -2.94 -12.22 -12.16
CA LEU B 113 -2.14 -12.74 -13.25
C LEU B 113 -0.67 -12.84 -12.84
N LEU B 114 -0.13 -11.76 -12.26
CA LEU B 114 1.26 -11.73 -11.84
C LEU B 114 1.60 -12.77 -10.77
N CYS B 115 0.67 -13.00 -9.85
CA CYS B 115 0.97 -13.84 -8.70
C CYS B 115 0.57 -15.31 -8.87
N ASP B 116 -0.51 -15.55 -9.61
CA ASP B 116 -1.03 -16.91 -9.78
C ASP B 116 -0.30 -17.67 -10.89
N GLU B 117 -0.23 -17.06 -12.07
CA GLU B 117 0.37 -17.71 -13.23
C GLU B 117 1.90 -17.50 -13.32
N TYR B 118 2.36 -16.31 -12.97
CA TYR B 118 3.78 -15.98 -13.14
C TYR B 118 4.58 -15.78 -11.85
N GLU B 119 3.95 -16.11 -10.71
CA GLU B 119 4.62 -16.21 -9.42
C GLU B 119 5.51 -15.02 -9.06
N ALA B 120 4.88 -13.84 -9.04
CA ALA B 120 5.55 -12.61 -8.61
C ALA B 120 5.69 -12.59 -7.10
N ASP B 121 6.79 -11.99 -6.64
CA ASP B 121 7.06 -11.85 -5.22
C ASP B 121 6.45 -10.53 -4.72
N PRO B 122 5.46 -10.63 -3.81
CA PRO B 122 4.83 -9.44 -3.23
C PRO B 122 5.55 -9.01 -1.95
N PHE B 123 6.69 -9.62 -1.68
CA PHE B 123 7.46 -9.32 -0.47
C PHE B 123 8.70 -8.49 -0.76
N ILE B 124 8.97 -8.23 -2.05
CA ILE B 124 10.08 -7.38 -2.43
C ILE B 124 9.86 -6.03 -1.79
N ARG B 125 10.90 -5.52 -1.11
CA ARG B 125 10.81 -4.25 -0.42
C ARG B 125 11.54 -3.17 -1.17
N ASN B 126 10.90 -2.01 -1.34
CA ASN B 126 11.50 -0.89 -2.07
C ASN B 126 12.47 -0.01 -1.24
N LYS B 127 12.97 1.06 -1.86
CA LYS B 127 13.93 1.96 -1.19
C LYS B 127 13.38 2.57 0.10
N PHE B 128 12.05 2.55 0.25
CA PHE B 128 11.40 3.11 1.44
C PHE B 128 11.01 2.01 2.43
N GLY B 129 11.24 0.76 2.05
CA GLY B 129 11.02 -0.37 2.94
C GLY B 129 9.68 -1.05 2.79
N HIS B 130 8.92 -0.66 1.77
CA HIS B 130 7.56 -1.17 1.58
C HIS B 130 7.45 -2.25 0.51
N ASP B 131 6.63 -3.27 0.77
CA ASP B 131 6.32 -4.29 -0.22
C ASP B 131 4.94 -4.10 -0.82
N ALA B 132 4.59 -4.90 -1.81
CA ALA B 132 3.28 -4.77 -2.44
C ALA B 132 2.12 -4.87 -1.43
N ILE B 133 2.27 -5.77 -0.44
CA ILE B 133 1.28 -5.92 0.62
C ILE B 133 0.96 -4.59 1.32
N PHE B 134 2.01 -3.87 1.70
CA PHE B 134 1.84 -2.56 2.31
C PHE B 134 1.16 -1.60 1.33
N GLU B 135 1.69 -1.51 0.12
CA GLU B 135 1.25 -0.51 -0.86
C GLU B 135 -0.23 -0.61 -1.13
N ALA B 136 -0.73 -1.84 -1.28
CA ALA B 136 -2.15 -2.07 -1.51
C ALA B 136 -2.96 -1.45 -0.39
N GLU B 137 -2.60 -1.77 0.85
CA GLU B 137 -3.37 -1.32 2.01
C GLU B 137 -3.22 0.18 2.22
N ASN B 138 -2.07 0.71 1.84
CA ASN B 138 -1.80 2.13 2.05
C ASN B 138 -2.59 3.03 1.11
N SER B 139 -3.03 2.49 -0.02
CA SER B 139 -3.84 3.22 -0.99
C SER B 139 -5.32 2.84 -0.94
N GLY B 140 -5.72 2.14 0.12
CA GLY B 140 -7.12 1.77 0.32
C GLY B 140 -7.67 0.80 -0.72
N LYS B 141 -6.79 0.02 -1.33
CA LYS B 141 -7.20 -0.97 -2.32
C LYS B 141 -7.44 -2.31 -1.63
N GLU B 142 -8.54 -2.38 -0.91
CA GLU B 142 -8.92 -3.51 -0.08
C GLU B 142 -9.12 -4.83 -0.82
N GLU B 143 -9.53 -4.78 -2.08
CA GLU B 143 -9.71 -5.99 -2.88
C GLU B 143 -8.38 -6.69 -3.14
N VAL B 144 -7.38 -5.91 -3.55
CA VAL B 144 -6.03 -6.42 -3.75
C VAL B 144 -5.41 -6.92 -2.44
N GLU B 145 -5.67 -6.20 -1.36
CA GLU B 145 -5.10 -6.54 -0.08
C GLU B 145 -5.67 -7.83 0.47
N THR B 146 -6.97 -8.03 0.29
CA THR B 146 -7.60 -9.23 0.80
C THR B 146 -7.12 -10.43 0.01
N TYR B 147 -6.84 -10.23 -1.27
CA TYR B 147 -6.30 -11.30 -2.12
C TYR B 147 -4.94 -11.75 -1.61
N PHE B 148 -4.09 -10.78 -1.26
CA PHE B 148 -2.76 -11.08 -0.74
C PHE B 148 -2.85 -11.91 0.54
N LEU B 149 -3.73 -11.51 1.45
CA LEU B 149 -3.80 -12.17 2.75
C LEU B 149 -4.33 -13.61 2.70
N LYS B 150 -5.09 -13.94 1.65
CA LYS B 150 -5.56 -15.31 1.40
C LYS B 150 -4.46 -16.13 0.74
N LYS B 151 -3.90 -15.57 -0.32
CA LYS B 151 -2.90 -16.25 -1.12
C LYS B 151 -1.64 -16.58 -0.33
N TYR B 152 -1.14 -15.63 0.45
CA TYR B 152 0.12 -15.83 1.13
C TYR B 152 -0.01 -15.88 2.65
N ASP B 153 0.96 -16.51 3.29
CA ASP B 153 0.99 -16.54 4.73
C ASP B 153 1.65 -15.25 5.20
N VAL B 154 0.82 -14.24 5.44
CA VAL B 154 1.29 -12.91 5.81
C VAL B 154 1.08 -12.66 7.30
N GLU B 155 2.17 -12.34 7.99
CA GLU B 155 2.20 -12.04 9.42
C GLU B 155 3.06 -10.80 9.66
N PRO B 156 2.86 -10.13 10.81
CA PRO B 156 3.71 -8.99 11.22
C PRO B 156 5.15 -9.40 11.54
N GLU B 157 6.10 -8.47 11.46
CA GLU B 157 7.52 -8.81 11.64
C GLU B 157 8.26 -8.00 12.72
N ASP B 158 9.59 -8.07 12.71
CA ASP B 158 10.43 -7.34 13.66
C ASP B 158 11.19 -6.19 12.97
#